data_7TOA
#
_entry.id   7TOA
#
_cell.length_a   40.726
_cell.length_b   64.466
_cell.length_c   53.415
_cell.angle_alpha   90.000
_cell.angle_beta   95.467
_cell.angle_gamma   90.000
#
_symmetry.space_group_name_H-M   'P 1 21 1'
#
loop_
_entity.id
_entity.type
_entity.pdbx_description
1 polymer 'Bromodomain-containing protein 3'
2 polymer '3xAcK.1 (triAcK.1)'
3 non-polymer GLYCEROL
4 water water
#
loop_
_entity_poly.entity_id
_entity_poly.type
_entity_poly.pdbx_seq_one_letter_code
_entity_poly.pdbx_strand_id
1 'polypeptide(L)'
;PGRKTNQLQYMQNVVVKTLWKHQFAWPFYQPVDAIKLNLPDYHKIIKNPMDMGTIKKRLENNYYWSASECMQDFNTMFTN
CYIYNKPTDDIVLMAQALEKIFLQKVAQMPQEEVEL
;
B,A
2 'polypeptide(L)' RSL(ALY)LL(ALY)HL(ALY)H D
#
# COMPACT_ATOMS: atom_id res chain seq x y z
N PRO A 1 2.69 -20.72 18.58
CA PRO A 1 3.90 -21.33 19.14
C PRO A 1 5.17 -20.69 18.59
N GLY A 2 5.68 -19.69 19.28
CA GLY A 2 6.84 -18.95 18.82
C GLY A 2 8.12 -19.73 18.98
N ARG A 3 9.21 -19.12 18.50
CA ARG A 3 10.54 -19.71 18.57
C ARG A 3 11.56 -18.59 18.73
N LYS A 4 12.77 -18.98 19.11
CA LYS A 4 13.94 -18.12 19.05
C LYS A 4 14.84 -18.64 17.93
N THR A 5 15.03 -17.84 16.89
CA THR A 5 15.83 -18.23 15.74
C THR A 5 16.91 -17.19 15.47
N ASN A 6 17.92 -17.62 14.70
CA ASN A 6 18.96 -16.68 14.27
C ASN A 6 18.36 -15.51 13.51
N GLN A 7 17.38 -15.76 12.64
CA GLN A 7 16.79 -14.68 11.86
C GLN A 7 15.95 -13.75 12.75
N LEU A 8 15.24 -14.31 13.74
CA LEU A 8 14.46 -13.45 14.62
C LEU A 8 15.35 -12.58 15.50
N GLN A 9 16.48 -13.12 15.95
CA GLN A 9 17.45 -12.30 16.66
C GLN A 9 17.93 -11.15 15.78
N TYR A 10 18.15 -11.44 14.49
CA TYR A 10 18.55 -10.41 13.55
C TYR A 10 17.44 -9.37 13.37
N MET A 11 16.18 -9.81 13.28
CA MET A 11 15.08 -8.87 13.15
C MET A 11 15.03 -7.92 14.34
N GLN A 12 15.30 -8.43 15.54
CA GLN A 12 15.21 -7.59 16.73
C GLN A 12 16.44 -6.71 16.87
N ASN A 13 17.63 -7.29 16.76
CA ASN A 13 18.85 -6.58 17.12
C ASN A 13 19.50 -5.85 15.96
N VAL A 14 19.06 -6.10 14.73
CA VAL A 14 19.49 -5.32 13.57
C VAL A 14 18.35 -4.51 12.99
N VAL A 15 17.27 -5.17 12.59
CA VAL A 15 16.24 -4.48 11.80
C VAL A 15 15.48 -3.45 12.64
N VAL A 16 14.86 -3.90 13.74
CA VAL A 16 14.12 -2.96 14.59
C VAL A 16 15.06 -1.89 15.15
N LYS A 17 16.23 -2.32 15.65
CA LYS A 17 17.17 -1.38 16.24
C LYS A 17 17.55 -0.29 15.26
N THR A 18 17.87 -0.67 14.02
CA THR A 18 18.27 0.30 13.01
C THR A 18 17.13 1.24 12.66
N LEU A 19 15.94 0.70 12.42
CA LEU A 19 14.83 1.53 11.99
C LEU A 19 14.39 2.48 13.10
N TRP A 20 14.40 2.02 14.35
CA TRP A 20 13.93 2.86 15.45
C TRP A 20 14.76 4.14 15.55
N LYS A 21 16.04 4.04 15.22
CA LYS A 21 16.92 5.19 15.33
C LYS A 21 16.73 6.19 14.21
N HIS A 22 16.06 5.83 13.13
CA HIS A 22 15.93 6.73 11.99
C HIS A 22 15.01 7.90 12.32
N GLN A 23 15.37 9.08 11.82
CA GLN A 23 14.60 10.28 12.10
C GLN A 23 13.18 10.23 11.56
N PHE A 24 12.88 9.34 10.61
CA PHE A 24 11.53 9.21 10.08
C PHE A 24 10.69 8.16 10.79
N ALA A 25 11.22 7.45 11.80
CA ALA A 25 10.51 6.31 12.35
C ALA A 25 9.40 6.68 13.33
N TRP A 26 9.46 7.87 13.91
CA TRP A 26 8.57 8.20 15.02
C TRP A 26 7.07 8.05 14.76
N PRO A 27 6.53 8.29 13.56
CA PRO A 27 5.07 8.05 13.38
C PRO A 27 4.68 6.60 13.54
N PHE A 28 5.65 5.69 13.52
CA PHE A 28 5.40 4.25 13.53
C PHE A 28 5.71 3.61 14.89
N TYR A 29 6.02 4.41 15.92
CA TYR A 29 6.39 3.82 17.20
C TYR A 29 5.18 3.26 17.96
N GLN A 30 3.98 3.73 17.69
CA GLN A 30 2.79 3.30 18.41
C GLN A 30 1.66 3.13 17.40
N PRO A 31 0.61 2.39 17.76
CA PRO A 31 -0.53 2.27 16.85
C PRO A 31 -1.10 3.63 16.49
N VAL A 32 -1.58 3.75 15.25
CA VAL A 32 -2.31 4.94 14.82
C VAL A 32 -3.59 5.07 15.64
N ASP A 33 -3.77 6.23 16.28
CA ASP A 33 -4.98 6.53 17.04
C ASP A 33 -5.86 7.40 16.15
N ALA A 34 -6.81 6.76 15.45
CA ALA A 34 -7.59 7.45 14.44
C ALA A 34 -8.50 8.50 15.05
N ILE A 35 -8.90 8.32 16.31
CA ILE A 35 -9.76 9.30 16.96
C ILE A 35 -8.95 10.53 17.37
N LYS A 36 -7.85 10.32 18.09
CA LYS A 36 -7.01 11.44 18.50
C LYS A 36 -6.54 12.24 17.29
N LEU A 37 -6.12 11.55 16.24
CA LEU A 37 -5.50 12.19 15.08
C LEU A 37 -6.51 12.69 14.06
N ASN A 38 -7.80 12.45 14.28
CA ASN A 38 -8.84 12.89 13.37
C ASN A 38 -8.66 12.28 11.97
N LEU A 39 -8.68 10.94 11.94
CA LEU A 39 -8.67 10.16 10.70
C LEU A 39 -9.90 9.25 10.71
N PRO A 40 -11.11 9.80 10.52
CA PRO A 40 -12.33 9.00 10.80
C PRO A 40 -12.58 7.80 9.89
N ASP A 41 -11.94 7.70 8.72
CA ASP A 41 -12.09 6.53 7.85
C ASP A 41 -10.93 5.53 7.99
N TYR A 42 -10.05 5.75 8.96
CA TYR A 42 -8.82 4.96 9.03
C TYR A 42 -9.11 3.47 9.18
N HIS A 43 -9.99 3.11 10.13
CA HIS A 43 -10.24 1.70 10.38
C HIS A 43 -11.21 1.08 9.38
N LYS A 44 -11.90 1.91 8.60
CA LYS A 44 -12.69 1.41 7.49
C LYS A 44 -11.80 0.90 6.37
N ILE A 45 -10.63 1.52 6.21
CA ILE A 45 -9.70 1.19 5.13
C ILE A 45 -8.61 0.25 5.60
N ILE A 46 -8.11 0.47 6.82
CA ILE A 46 -6.98 -0.28 7.38
C ILE A 46 -7.57 -1.24 8.39
N LYS A 47 -7.71 -2.50 7.99
CA LYS A 47 -8.34 -3.52 8.82
C LYS A 47 -7.33 -4.38 9.56
N ASN A 48 -6.05 -4.20 9.28
CA ASN A 48 -4.97 -4.94 9.92
C ASN A 48 -3.91 -3.92 10.35
N PRO A 49 -4.20 -3.13 11.39
CA PRO A 49 -3.23 -2.11 11.81
C PRO A 49 -1.95 -2.77 12.34
N MET A 50 -0.82 -2.11 12.09
CA MET A 50 0.45 -2.59 12.63
C MET A 50 1.38 -1.42 12.81
N ASP A 51 2.27 -1.54 13.78
CA ASP A 51 3.22 -0.47 14.10
C ASP A 51 4.50 -1.11 14.61
N MET A 52 5.59 -0.33 14.62
CA MET A 52 6.87 -0.89 15.01
C MET A 52 6.98 -1.16 16.50
N GLY A 53 6.22 -0.42 17.33
CA GLY A 53 6.21 -0.76 18.75
C GLY A 53 5.63 -2.15 19.01
N THR A 54 4.55 -2.48 18.31
CA THR A 54 3.98 -3.82 18.40
C THR A 54 4.97 -4.87 17.92
N ILE A 55 5.63 -4.62 16.78
CA ILE A 55 6.61 -5.56 16.27
C ILE A 55 7.74 -5.79 17.28
N LYS A 56 8.24 -4.69 17.85
CA LYS A 56 9.32 -4.80 18.84
C LYS A 56 8.89 -5.63 20.04
N LYS A 57 7.68 -5.39 20.56
CA LYS A 57 7.19 -6.18 21.69
C LYS A 57 7.03 -7.64 21.31
N ARG A 58 6.57 -7.91 20.07
CA ARG A 58 6.41 -9.29 19.63
C ARG A 58 7.75 -10.02 19.59
N LEU A 59 8.79 -9.35 19.12
CA LEU A 59 10.12 -9.96 19.11
C LEU A 59 10.65 -10.13 20.52
N GLU A 60 10.43 -9.13 21.39
CA GLU A 60 10.94 -9.22 22.75
C GLU A 60 10.29 -10.33 23.55
N ASN A 61 9.11 -10.79 23.14
CA ASN A 61 8.37 -11.81 23.86
C ASN A 61 8.21 -13.11 23.08
N ASN A 62 9.03 -13.32 22.05
CA ASN A 62 9.07 -14.57 21.30
C ASN A 62 7.69 -14.95 20.75
N TYR A 63 7.00 -13.95 20.21
CA TYR A 63 5.67 -14.15 19.66
C TYR A 63 5.71 -14.90 18.33
N TYR A 64 6.76 -14.69 17.54
CA TYR A 64 6.83 -15.23 16.19
C TYR A 64 7.43 -16.63 16.17
N TRP A 65 6.90 -17.48 15.30
CA TRP A 65 7.55 -18.76 15.01
C TRP A 65 8.69 -18.58 14.01
N SER A 66 8.60 -17.61 13.11
CA SER A 66 9.64 -17.43 12.11
C SER A 66 9.79 -15.95 11.80
N ALA A 67 10.99 -15.58 11.36
CA ALA A 67 11.23 -14.20 10.93
C ALA A 67 10.34 -13.82 9.76
N SER A 68 9.88 -14.80 8.97
CA SER A 68 8.98 -14.48 7.88
C SER A 68 7.71 -13.81 8.37
N GLU A 69 7.22 -14.22 9.55
CA GLU A 69 6.03 -13.59 10.13
C GLU A 69 6.32 -12.16 10.57
N CYS A 70 7.53 -11.92 11.09
CA CYS A 70 7.91 -10.57 11.48
C CYS A 70 8.06 -9.67 10.26
N MET A 71 8.67 -10.20 9.19
CA MET A 71 8.74 -9.46 7.95
C MET A 71 7.34 -9.15 7.42
N GLN A 72 6.40 -10.08 7.58
CA GLN A 72 5.00 -9.82 7.19
C GLN A 72 4.45 -8.62 7.95
N ASP A 73 4.70 -8.54 9.25
CA ASP A 73 4.19 -7.41 10.04
C ASP A 73 4.81 -6.09 9.59
N PHE A 74 6.11 -6.09 9.29
CA PHE A 74 6.72 -4.89 8.74
C PHE A 74 6.04 -4.49 7.43
N ASN A 75 5.80 -5.46 6.54
CA ASN A 75 5.13 -5.16 5.28
C ASN A 75 3.74 -4.59 5.51
N THR A 76 2.99 -5.16 6.46
CA THR A 76 1.68 -4.62 6.79
C THR A 76 1.81 -3.16 7.25
N MET A 77 2.78 -2.88 8.12
CA MET A 77 2.98 -1.51 8.59
C MET A 77 3.23 -0.54 7.44
N PHE A 78 4.19 -0.88 6.56
CA PHE A 78 4.50 0.02 5.47
C PHE A 78 3.33 0.13 4.51
N THR A 79 2.72 -1.01 4.16
N THR A 79 2.71 -1.00 4.16
CA THR A 79 1.64 -1.00 3.17
CA THR A 79 1.63 -0.98 3.17
C THR A 79 0.40 -0.26 3.69
C THR A 79 0.40 -0.24 3.69
N ASN A 80 0.10 -0.37 4.98
CA ASN A 80 -1.02 0.40 5.53
C ASN A 80 -0.80 1.89 5.29
N CYS A 81 0.44 2.35 5.46
CA CYS A 81 0.77 3.75 5.24
C CYS A 81 0.60 4.11 3.77
N TYR A 82 1.08 3.24 2.87
CA TYR A 82 0.92 3.46 1.44
C TYR A 82 -0.55 3.46 1.01
N ILE A 83 -1.40 2.67 1.68
CA ILE A 83 -2.81 2.54 1.32
C ILE A 83 -3.60 3.74 1.77
N TYR A 84 -3.42 4.12 3.03
CA TYR A 84 -4.31 5.10 3.65
C TYR A 84 -4.03 6.51 3.16
N ASN A 85 -2.76 6.84 3.00
CA ASN A 85 -2.38 8.21 2.68
C ASN A 85 -2.40 8.42 1.17
N LYS A 86 -2.29 9.68 0.78
CA LYS A 86 -2.26 9.96 -0.65
C LYS A 86 -0.84 9.84 -1.19
N PRO A 87 -0.70 9.59 -2.50
CA PRO A 87 0.63 9.22 -3.04
C PRO A 87 1.74 10.23 -2.77
N THR A 88 1.43 11.52 -2.69
CA THR A 88 2.46 12.55 -2.55
C THR A 88 2.66 13.01 -1.10
N ASP A 89 1.97 12.40 -0.14
CA ASP A 89 2.09 12.84 1.24
C ASP A 89 3.48 12.58 1.78
N ASP A 90 3.92 13.46 2.68
CA ASP A 90 5.25 13.31 3.28
C ASP A 90 5.39 11.96 3.97
N ILE A 91 4.35 11.51 4.67
CA ILE A 91 4.48 10.26 5.42
C ILE A 91 4.74 9.08 4.49
N VAL A 92 4.25 9.13 3.25
CA VAL A 92 4.50 8.07 2.29
C VAL A 92 5.97 8.06 1.89
N LEU A 93 6.54 9.24 1.65
CA LEU A 93 7.97 9.31 1.34
C LEU A 93 8.81 8.85 2.52
N MET A 94 8.37 9.17 3.75
CA MET A 94 9.09 8.68 4.93
C MET A 94 9.03 7.17 5.01
N ALA A 95 7.85 6.58 4.79
CA ALA A 95 7.70 5.14 4.83
C ALA A 95 8.54 4.47 3.74
N GLN A 96 8.59 5.09 2.56
CA GLN A 96 9.41 4.52 1.49
C GLN A 96 10.89 4.52 1.87
N ALA A 97 11.35 5.59 2.52
CA ALA A 97 12.75 5.63 2.94
C ALA A 97 13.04 4.57 4.01
N LEU A 98 12.09 4.37 4.94
CA LEU A 98 12.26 3.33 5.95
C LEU A 98 12.23 1.95 5.33
N GLU A 99 11.32 1.72 4.37
CA GLU A 99 11.25 0.41 3.73
C GLU A 99 12.54 0.11 2.98
N LYS A 100 13.15 1.14 2.36
CA LYS A 100 14.42 0.93 1.69
C LYS A 100 15.48 0.41 2.65
N ILE A 101 15.55 0.98 3.85
CA ILE A 101 16.49 0.49 4.86
C ILE A 101 16.11 -0.90 5.33
N PHE A 102 14.81 -1.14 5.55
CA PHE A 102 14.32 -2.47 5.92
C PHE A 102 14.79 -3.51 4.92
N LEU A 103 14.61 -3.23 3.63
CA LEU A 103 14.99 -4.21 2.60
C LEU A 103 16.49 -4.42 2.56
N GLN A 104 17.26 -3.34 2.76
CA GLN A 104 18.71 -3.48 2.79
C GLN A 104 19.15 -4.37 3.95
N LYS A 105 18.52 -4.19 5.12
CA LYS A 105 18.86 -5.04 6.26
C LYS A 105 18.43 -6.48 6.01
N VAL A 106 17.23 -6.69 5.45
CA VAL A 106 16.76 -8.05 5.19
C VAL A 106 17.72 -8.77 4.24
N ALA A 107 18.26 -8.05 3.25
CA ALA A 107 19.21 -8.65 2.31
C ALA A 107 20.45 -9.20 3.00
N GLN A 108 20.80 -8.68 4.17
CA GLN A 108 21.98 -9.13 4.91
C GLN A 108 21.64 -10.11 6.03
N MET A 109 20.38 -10.51 6.16
CA MET A 109 19.99 -11.46 7.18
C MET A 109 20.55 -12.84 6.83
N PRO A 110 20.88 -13.67 7.82
CA PRO A 110 21.26 -15.05 7.52
C PRO A 110 20.15 -15.74 6.74
N GLN A 111 20.54 -16.46 5.70
CA GLN A 111 19.55 -16.92 4.72
C GLN A 111 18.81 -18.18 5.15
N GLU A 112 19.40 -19.01 6.01
CA GLU A 112 18.73 -20.18 6.53
C GLU A 112 18.37 -19.93 8.00
N GLU A 113 17.13 -20.26 8.37
CA GLU A 113 16.63 -19.97 9.71
C GLU A 113 16.85 -21.19 10.60
N VAL A 114 17.57 -20.98 11.71
CA VAL A 114 17.94 -22.04 12.63
C VAL A 114 17.38 -21.66 14.00
N GLU A 115 16.67 -22.59 14.64
CA GLU A 115 16.24 -22.38 16.01
C GLU A 115 17.45 -22.46 16.92
N LEU A 116 17.56 -21.52 17.86
CA LEU A 116 18.69 -21.49 18.76
C LEU A 116 18.47 -22.40 19.95
N PRO B 1 -12.44 19.08 -21.95
CA PRO B 1 -12.49 18.48 -20.61
C PRO B 1 -11.11 18.08 -20.09
N GLY B 2 -10.14 17.95 -20.99
CA GLY B 2 -8.83 17.51 -20.61
C GLY B 2 -7.74 18.18 -21.40
N ARG B 3 -6.51 17.74 -21.13
CA ARG B 3 -5.32 18.31 -21.74
C ARG B 3 -4.34 17.19 -22.00
N LYS B 4 -3.29 17.51 -22.75
CA LYS B 4 -2.05 16.75 -22.74
C LYS B 4 -1.10 17.44 -21.77
N THR B 5 -0.51 16.65 -20.88
CA THR B 5 0.55 17.15 -20.01
C THR B 5 1.65 16.11 -19.92
N ASN B 6 2.83 16.55 -19.51
CA ASN B 6 3.94 15.62 -19.34
C ASN B 6 3.62 14.55 -18.30
N GLN B 7 2.95 14.94 -17.21
CA GLN B 7 2.64 13.97 -16.16
C GLN B 7 1.56 12.98 -16.63
N LEU B 8 0.58 13.45 -17.40
CA LEU B 8 -0.44 12.54 -17.91
C LEU B 8 0.16 11.56 -18.92
N GLN B 9 1.05 12.02 -19.79
CA GLN B 9 1.74 11.12 -20.70
C GLN B 9 2.51 10.07 -19.91
N TYR B 10 3.15 10.48 -18.80
CA TYR B 10 3.84 9.53 -17.93
C TYR B 10 2.86 8.55 -17.29
N MET B 11 1.70 9.03 -16.83
CA MET B 11 0.72 8.11 -16.27
C MET B 11 0.29 7.07 -17.31
N GLN B 12 0.14 7.49 -18.56
CA GLN B 12 -0.31 6.55 -19.60
C GLN B 12 0.80 5.58 -20.01
N ASN B 13 1.97 6.11 -20.35
CA ASN B 13 2.99 5.33 -21.03
C ASN B 13 3.97 4.65 -20.07
N VAL B 14 3.98 5.05 -18.81
CA VAL B 14 4.80 4.40 -17.79
C VAL B 14 3.93 3.69 -16.75
N VAL B 15 3.06 4.43 -16.07
CA VAL B 15 2.30 3.86 -14.96
C VAL B 15 1.30 2.82 -15.46
N VAL B 16 0.36 3.23 -16.32
CA VAL B 16 -0.67 2.30 -16.78
C VAL B 16 -0.06 1.20 -17.65
N LYS B 17 0.86 1.56 -18.54
CA LYS B 17 1.49 0.55 -19.37
C LYS B 17 2.15 -0.54 -18.54
N THR B 18 2.84 -0.16 -17.47
CA THR B 18 3.48 -1.15 -16.58
C THR B 18 2.44 -1.94 -15.82
N LEU B 19 1.46 -1.26 -15.23
CA LEU B 19 0.50 -1.96 -14.38
C LEU B 19 -0.37 -2.91 -15.20
N TRP B 20 -0.73 -2.52 -16.42
CA TRP B 20 -1.62 -3.35 -17.23
C TRP B 20 -0.99 -4.70 -17.54
N LYS B 21 0.33 -4.75 -17.68
CA LYS B 21 1.02 -6.00 -17.97
C LYS B 21 1.32 -6.83 -16.73
N HIS B 22 1.06 -6.29 -15.55
CA HIS B 22 1.41 -7.00 -14.33
C HIS B 22 0.51 -8.22 -14.14
N GLN B 23 1.09 -9.28 -13.60
CA GLN B 23 0.38 -10.54 -13.41
C GLN B 23 -0.87 -10.42 -12.54
N PHE B 24 -0.95 -9.41 -11.67
CA PHE B 24 -2.07 -9.24 -10.74
C PHE B 24 -3.08 -8.18 -11.18
N ALA B 25 -2.93 -7.60 -12.38
CA ALA B 25 -3.77 -6.47 -12.77
C ALA B 25 -5.16 -6.86 -13.23
N TRP B 26 -5.33 -8.09 -13.71
CA TRP B 26 -6.57 -8.46 -14.38
C TRP B 26 -7.86 -8.25 -13.60
N PRO B 27 -7.92 -8.40 -12.27
CA PRO B 27 -9.20 -8.14 -11.58
C PRO B 27 -9.64 -6.70 -11.70
N PHE B 28 -8.73 -5.81 -12.06
CA PHE B 28 -8.99 -4.37 -12.12
C PHE B 28 -9.20 -3.86 -13.54
N TYR B 29 -9.31 -4.76 -14.52
CA TYR B 29 -9.41 -4.31 -15.91
C TYR B 29 -10.76 -3.69 -16.25
N GLN B 30 -11.82 -3.99 -15.49
CA GLN B 30 -13.17 -3.59 -15.83
C GLN B 30 -13.89 -3.13 -14.57
N PRO B 31 -14.92 -2.30 -14.70
CA PRO B 31 -15.75 -1.97 -13.54
C PRO B 31 -16.27 -3.24 -12.87
N VAL B 32 -16.36 -3.21 -11.54
CA VAL B 32 -17.01 -4.28 -10.80
C VAL B 32 -18.48 -4.33 -11.19
N ASP B 33 -18.93 -5.49 -11.68
CA ASP B 33 -20.34 -5.70 -11.99
C ASP B 33 -20.95 -6.51 -10.85
N ALA B 34 -21.65 -5.82 -9.95
CA ALA B 34 -22.14 -6.46 -8.73
C ALA B 34 -23.25 -7.45 -9.00
N ILE B 35 -23.90 -7.36 -10.16
CA ILE B 35 -24.91 -8.35 -10.52
C ILE B 35 -24.24 -9.63 -11.01
N LYS B 36 -23.38 -9.51 -12.02
CA LYS B 36 -22.74 -10.71 -12.57
C LYS B 36 -21.87 -11.39 -11.52
N LEU B 37 -21.19 -10.60 -10.71
CA LEU B 37 -20.29 -11.17 -9.70
C LEU B 37 -21.00 -11.54 -8.42
N ASN B 38 -22.32 -11.31 -8.32
CA ASN B 38 -23.08 -11.72 -7.14
C ASN B 38 -22.53 -11.06 -5.87
N LEU B 39 -22.49 -9.72 -5.90
CA LEU B 39 -22.01 -8.89 -4.79
C LEU B 39 -23.13 -7.95 -4.38
N PRO B 40 -24.15 -8.47 -3.68
CA PRO B 40 -25.33 -7.63 -3.40
C PRO B 40 -25.07 -6.45 -2.47
N ASP B 41 -23.94 -6.41 -1.76
CA ASP B 41 -23.62 -5.30 -0.88
C ASP B 41 -22.57 -4.35 -1.44
N TYR B 42 -22.12 -4.56 -2.66
CA TYR B 42 -21.01 -3.76 -3.19
C TYR B 42 -21.38 -2.29 -3.29
N HIS B 43 -22.53 -1.99 -3.88
CA HIS B 43 -22.88 -0.58 -4.05
C HIS B 43 -23.33 0.07 -2.75
N LYS B 44 -23.80 -0.72 -1.78
CA LYS B 44 -24.06 -0.17 -0.45
C LYS B 44 -22.78 0.37 0.18
N ILE B 45 -21.67 -0.35 -0.02
CA ILE B 45 -20.41 -0.04 0.63
C ILE B 45 -19.57 0.94 -0.18
N ILE B 46 -19.61 0.83 -1.51
CA ILE B 46 -18.71 1.56 -2.41
C ILE B 46 -19.55 2.56 -3.20
N LYS B 47 -19.33 3.85 -2.97
CA LYS B 47 -20.12 4.88 -3.63
C LYS B 47 -19.40 5.52 -4.82
N ASN B 48 -18.10 5.30 -4.98
CA ASN B 48 -17.31 5.91 -6.03
C ASN B 48 -16.50 4.82 -6.72
N PRO B 49 -17.12 4.04 -7.60
CA PRO B 49 -16.41 2.93 -8.23
C PRO B 49 -15.35 3.40 -9.20
N MET B 50 -14.25 2.64 -9.27
CA MET B 50 -13.21 2.93 -10.23
C MET B 50 -12.47 1.64 -10.58
N ASP B 51 -11.92 1.61 -11.78
CA ASP B 51 -11.15 0.46 -12.25
C ASP B 51 -10.08 0.96 -13.21
N MET B 52 -9.13 0.09 -13.51
CA MET B 52 -8.00 0.53 -14.33
C MET B 52 -8.36 0.61 -15.81
N GLY B 53 -9.36 -0.14 -16.27
CA GLY B 53 -9.80 0.03 -17.64
C GLY B 53 -10.38 1.41 -17.87
N THR B 54 -11.17 1.90 -16.92
CA THR B 54 -11.70 3.25 -17.01
C THR B 54 -10.58 4.29 -16.99
N ILE B 55 -9.57 4.08 -16.13
CA ILE B 55 -8.45 5.00 -16.07
C ILE B 55 -7.70 5.04 -17.40
N LYS B 56 -7.46 3.86 -17.99
CA LYS B 56 -6.75 3.78 -19.25
C LYS B 56 -7.52 4.48 -20.37
N LYS B 57 -8.83 4.25 -20.42
CA LYS B 57 -9.64 4.88 -21.46
C LYS B 57 -9.65 6.40 -21.28
N ARG B 58 -9.73 6.87 -20.03
CA ARG B 58 -9.67 8.30 -19.77
C ARG B 58 -8.37 8.91 -20.29
N LEU B 59 -7.25 8.20 -20.09
CA LEU B 59 -5.99 8.71 -20.62
C LEU B 59 -5.98 8.72 -22.13
N GLU B 60 -6.47 7.64 -22.76
CA GLU B 60 -6.51 7.58 -24.21
C GLU B 60 -7.48 8.58 -24.83
N ASN B 61 -8.49 9.02 -24.09
CA ASN B 61 -9.47 9.96 -24.60
C ASN B 61 -9.23 11.39 -24.11
N ASN B 62 -8.08 11.65 -23.49
CA ASN B 62 -7.74 12.98 -22.97
C ASN B 62 -8.85 13.53 -22.07
N TYR B 63 -9.38 12.65 -21.21
CA TYR B 63 -10.44 13.05 -20.28
C TYR B 63 -9.89 13.88 -19.14
N TYR B 64 -8.66 13.59 -18.72
CA TYR B 64 -8.08 14.24 -17.56
C TYR B 64 -7.48 15.59 -17.93
N TRP B 65 -7.67 16.56 -17.03
CA TRP B 65 -7.00 17.85 -17.10
C TRP B 65 -5.65 17.81 -16.40
N SER B 66 -5.52 17.03 -15.34
CA SER B 66 -4.26 16.95 -14.60
C SER B 66 -4.02 15.51 -14.16
N ALA B 67 -2.73 15.16 -14.09
CA ALA B 67 -2.35 13.85 -13.56
C ALA B 67 -2.82 13.65 -12.12
N SER B 68 -3.05 14.73 -11.36
CA SER B 68 -3.59 14.56 -10.01
C SER B 68 -4.91 13.81 -10.03
N GLU B 69 -5.70 13.98 -11.09
CA GLU B 69 -6.98 13.27 -11.17
C GLU B 69 -6.74 11.79 -11.41
N CYS B 70 -5.79 11.47 -12.28
CA CYS B 70 -5.53 10.07 -12.58
C CYS B 70 -4.95 9.38 -11.36
N MET B 71 -4.04 10.04 -10.63
CA MET B 71 -3.53 9.47 -9.39
C MET B 71 -4.64 9.25 -8.36
N GLN B 72 -5.59 10.17 -8.26
CA GLN B 72 -6.69 9.97 -7.33
C GLN B 72 -7.60 8.83 -7.77
N ASP B 73 -7.82 8.68 -9.07
CA ASP B 73 -8.62 7.55 -9.54
C ASP B 73 -7.97 6.23 -9.16
N PHE B 74 -6.64 6.14 -9.29
CA PHE B 74 -5.95 4.94 -8.80
C PHE B 74 -6.16 4.78 -7.31
N ASN B 75 -6.01 5.85 -6.54
CA ASN B 75 -6.21 5.75 -5.09
C ASN B 75 -7.61 5.26 -4.77
N THR B 76 -8.62 5.78 -5.47
CA THR B 76 -9.99 5.33 -5.25
C THR B 76 -10.15 3.85 -5.57
N MET B 77 -9.61 3.42 -6.71
CA MET B 77 -9.71 2.02 -7.11
C MET B 77 -9.13 1.09 -6.03
N PHE B 78 -7.93 1.41 -5.56
CA PHE B 78 -7.29 0.58 -4.56
C PHE B 78 -8.03 0.64 -3.23
N THR B 79 -8.38 1.84 -2.76
CA THR B 79 -9.04 1.98 -1.47
CA THR B 79 -9.03 1.97 -1.46
C THR B 79 -10.39 1.27 -1.46
N ASN B 80 -11.13 1.35 -2.57
CA ASN B 80 -12.40 0.62 -2.64
C ASN B 80 -12.18 -0.86 -2.39
N CYS B 81 -11.11 -1.40 -2.97
CA CYS B 81 -10.82 -2.82 -2.82
C CYS B 81 -10.57 -3.18 -1.37
N TYR B 82 -9.81 -2.34 -0.65
CA TYR B 82 -9.53 -2.59 0.76
C TYR B 82 -10.77 -2.41 1.63
N ILE B 83 -11.62 -1.44 1.30
CA ILE B 83 -12.84 -1.24 2.08
C ILE B 83 -13.79 -2.42 1.93
N TYR B 84 -13.93 -2.94 0.70
CA TYR B 84 -14.96 -3.94 0.46
C TYR B 84 -14.52 -5.33 0.91
N ASN B 85 -13.26 -5.68 0.70
CA ASN B 85 -12.81 -7.05 0.89
C ASN B 85 -12.09 -7.22 2.22
N LYS B 86 -11.95 -8.47 2.64
CA LYS B 86 -11.24 -8.78 3.88
C LYS B 86 -9.73 -8.65 3.67
N PRO B 87 -8.98 -8.32 4.72
CA PRO B 87 -7.53 -8.14 4.55
C PRO B 87 -6.80 -9.42 4.18
N THR B 88 -7.44 -10.57 4.34
CA THR B 88 -6.85 -11.86 3.97
C THR B 88 -7.22 -12.29 2.56
N ASP B 89 -8.13 -11.59 1.90
CA ASP B 89 -8.54 -11.99 0.55
C ASP B 89 -7.39 -11.80 -0.43
N ASP B 90 -7.26 -12.73 -1.37
CA ASP B 90 -6.16 -12.64 -2.33
C ASP B 90 -6.22 -11.34 -3.13
N ILE B 91 -7.43 -10.88 -3.47
CA ILE B 91 -7.54 -9.67 -4.29
C ILE B 91 -6.91 -8.47 -3.59
N VAL B 92 -6.95 -8.46 -2.25
CA VAL B 92 -6.36 -7.36 -1.50
C VAL B 92 -4.84 -7.42 -1.55
N LEU B 93 -4.29 -8.63 -1.46
CA LEU B 93 -2.85 -8.79 -1.60
C LEU B 93 -2.39 -8.41 -3.01
N MET B 94 -3.19 -8.72 -4.02
CA MET B 94 -2.87 -8.32 -5.38
C MET B 94 -2.91 -6.81 -5.53
N ALA B 95 -3.97 -6.18 -5.01
CA ALA B 95 -4.05 -4.72 -5.04
C ALA B 95 -2.84 -4.09 -4.38
N GLN B 96 -2.40 -4.64 -3.25
CA GLN B 96 -1.26 -4.03 -2.55
C GLN B 96 0.01 -4.11 -3.39
N ALA B 97 0.24 -5.25 -4.05
CA ALA B 97 1.41 -5.37 -4.92
C ALA B 97 1.35 -4.38 -6.07
N LEU B 98 0.17 -4.19 -6.67
CA LEU B 98 0.02 -3.20 -7.74
C LEU B 98 0.22 -1.79 -7.22
N GLU B 99 -0.34 -1.49 -6.04
CA GLU B 99 -0.25 -0.15 -5.51
C GLU B 99 1.20 0.22 -5.18
N LYS B 100 2.00 -0.74 -4.71
CA LYS B 100 3.41 -0.45 -4.45
C LYS B 100 4.14 -0.05 -5.73
N ILE B 101 3.85 -0.73 -6.84
CA ILE B 101 4.46 -0.38 -8.11
C ILE B 101 3.97 0.98 -8.58
N PHE B 102 2.66 1.23 -8.46
CA PHE B 102 2.11 2.55 -8.73
C PHE B 102 2.87 3.63 -7.97
N LEU B 103 3.08 3.42 -6.67
CA LEU B 103 3.76 4.43 -5.87
C LEU B 103 5.22 4.59 -6.26
N GLN B 104 5.89 3.47 -6.61
CA GLN B 104 7.26 3.56 -7.09
C GLN B 104 7.34 4.42 -8.35
N LYS B 105 6.42 4.21 -9.29
CA LYS B 105 6.42 5.00 -10.52
C LYS B 105 6.05 6.46 -10.25
N VAL B 106 5.10 6.69 -9.34
CA VAL B 106 4.72 8.07 -9.00
C VAL B 106 5.91 8.82 -8.42
N ALA B 107 6.73 8.12 -7.62
CA ALA B 107 7.93 8.73 -7.06
C ALA B 107 8.87 9.25 -8.14
N GLN B 108 8.84 8.65 -9.33
CA GLN B 108 9.75 8.99 -10.41
C GLN B 108 9.11 9.85 -11.49
N MET B 109 7.87 10.28 -11.31
CA MET B 109 7.18 11.08 -12.31
C MET B 109 7.79 12.49 -12.35
N PRO B 110 7.74 13.15 -13.51
CA PRO B 110 8.16 14.56 -13.57
C PRO B 110 7.42 15.39 -12.52
N GLN B 111 8.17 16.22 -11.81
CA GLN B 111 7.63 16.88 -10.63
C GLN B 111 6.80 18.12 -10.95
N GLU B 112 7.05 18.76 -12.09
CA GLU B 112 6.26 19.92 -12.51
C GLU B 112 5.37 19.50 -13.67
N GLU B 113 4.08 19.82 -13.59
CA GLU B 113 3.15 19.48 -14.65
C GLU B 113 3.13 20.59 -15.69
N VAL B 114 3.36 20.20 -16.94
CA VAL B 114 3.58 21.09 -18.06
C VAL B 114 2.60 20.67 -19.16
N GLU B 115 1.85 21.63 -19.70
CA GLU B 115 0.94 21.31 -20.79
C GLU B 115 1.72 21.10 -22.09
N LEU B 116 1.32 20.08 -22.84
CA LEU B 116 2.00 19.72 -24.08
C LEU B 116 1.05 19.83 -25.27
N ARG C 1 -9.95 -18.00 0.03
N ARG C 1 0.73 18.54 2.41
CA ARG C 1 -9.34 -16.67 0.04
CA ARG C 1 1.54 17.39 2.07
C ARG C 1 -9.37 -16.06 -1.35
C ARG C 1 2.01 16.64 3.32
N SER C 2 -9.81 -16.84 -2.34
N SER C 2 1.91 17.30 4.47
CA SER C 2 -9.73 -16.44 -3.74
CA SER C 2 2.45 16.75 5.71
C SER C 2 -11.10 -16.24 -4.39
C SER C 2 1.41 16.75 6.82
N LEU C 3 -12.16 -16.11 -3.60
N LEU C 3 0.14 16.70 6.49
CA LEU C 3 -13.50 -16.16 -4.19
CA LEU C 3 -0.86 16.87 7.52
C LEU C 3 -13.87 -15.02 -5.13
C LEU C 3 -0.93 15.71 8.52
N LEU C 5 -11.82 -13.38 -6.82
N LEU C 5 1.43 13.91 9.46
CA LEU C 5 -10.98 -13.65 -7.99
CA LEU C 5 2.60 14.07 10.30
C LEU C 5 -11.65 -14.65 -8.92
C LEU C 5 2.38 15.08 11.42
N LEU C 6 -12.20 -15.71 -8.35
N LEU C 6 1.82 16.23 11.06
CA LEU C 6 -12.88 -16.73 -9.14
CA LEU C 6 1.55 17.28 12.04
C LEU C 6 -14.10 -16.13 -9.84
C LEU C 6 0.55 16.77 13.07
N HIS C 8 -14.48 -12.92 -10.74
N HIS C 8 0.26 13.56 14.00
CA HIS C 8 -13.94 -12.08 -11.81
CA HIS C 8 1.09 12.68 14.83
C HIS C 8 -13.51 -12.94 -13.00
C HIS C 8 1.91 13.53 15.80
N LEU C 9 -12.90 -14.07 -12.69
N LEU C 9 2.46 14.63 15.29
CA LEU C 9 -12.41 -14.97 -13.74
CA LEU C 9 3.26 15.52 16.12
C LEU C 9 -13.57 -15.50 -14.59
C LEU C 9 2.45 16.18 17.24
N HIS C 11 -16.64 -14.29 -14.79
N HIS C 11 -0.30 15.43 18.43
CA HIS C 11 -17.51 -13.24 -15.34
CA HIS C 11 -0.94 14.46 19.31
C HIS C 11 -16.70 -12.09 -15.93
C HIS C 11 0.04 13.35 19.70
#